data_9RQH
#
_entry.id   9RQH
#
_cell.length_a   67.958
_cell.length_b   89.649
_cell.length_c   44.990
_cell.angle_alpha   90.000
_cell.angle_beta   90.000
_cell.angle_gamma   90.000
#
_symmetry.space_group_name_H-M   'P 21 21 2'
#
loop_
_entity.id
_entity.type
_entity.pdbx_description
1 polymer 'FosA family fosfomycin resistance glutathione transferase'
2 non-polymer ~{N}-(2-thiophen-2-ylethyl)pyridine-4-carboxamide
3 non-polymer 1,2-ETHANEDIOL
4 non-polymer 'MANGANESE (II) ION'
5 non-polymer 'DIMETHYL SULFOXIDE'
6 water water
#
_entity_poly.entity_id   1
_entity_poly.type   'polypeptide(L)'
_entity_poly.pdbx_seq_one_letter_code
;MLSGLNHLTLAVSQLAPSVAFYQQLLGMTLHARWDSGAYLSCGDLWLCLSLDPQRRVTPPEESDYTHYAFSISEADFASF
AARLEAAGVAVWKLNRSEGASHYFLDPDGHKLELHVGSLAQRLAACREQPYKGMVFFEQHHHHHH
;
_entity_poly.pdbx_strand_id   A,B
#
loop_
_chem_comp.id
_chem_comp.type
_chem_comp.name
_chem_comp.formula
DMS non-polymer 'DIMETHYL SULFOXIDE' 'C2 H6 O S'
EDO non-polymer 1,2-ETHANEDIOL 'C2 H6 O2'
MN non-polymer 'MANGANESE (II) ION' 'Mn 2'
SZA non-polymer ~{N}-(2-thiophen-2-ylethyl)pyridine-4-carboxamide 'C12 H12 N2 O S'
#
# COMPACT_ATOMS: atom_id res chain seq x y z
N MET A 1 4.99 2.96 18.79
CA MET A 1 4.67 4.05 17.82
C MET A 1 4.99 3.67 16.39
N LEU A 2 3.99 3.82 15.53
CA LEU A 2 4.17 3.45 14.13
C LEU A 2 4.88 4.58 13.42
N SER A 3 5.78 4.24 12.49
N SER A 3 5.81 4.23 12.54
CA SER A 3 6.64 5.25 11.89
CA SER A 3 6.47 5.24 11.74
C SER A 3 6.56 5.35 10.38
C SER A 3 6.75 4.71 10.35
N GLY A 4 5.73 4.57 9.71
N GLY A 4 5.85 5.02 9.43
CA GLY A 4 5.57 4.67 8.28
CA GLY A 4 6.07 4.70 8.05
C GLY A 4 5.23 3.31 7.72
C GLY A 4 5.54 3.34 7.68
N LEU A 5 5.38 3.17 6.40
CA LEU A 5 5.07 1.90 5.77
C LEU A 5 6.37 1.11 5.71
N ASN A 6 6.37 -0.04 6.34
CA ASN A 6 7.51 -0.95 6.28
C ASN A 6 7.61 -1.61 4.91
N HIS A 7 6.50 -2.13 4.39
CA HIS A 7 6.47 -2.72 3.07
C HIS A 7 5.03 -2.80 2.58
N LEU A 8 4.91 -2.83 1.26
CA LEU A 8 3.66 -3.10 0.55
C LEU A 8 3.80 -4.49 -0.08
N THR A 9 2.85 -5.39 0.21
CA THR A 9 2.84 -6.70 -0.43
C THR A 9 1.61 -6.81 -1.31
N LEU A 10 1.85 -7.12 -2.58
CA LEU A 10 0.78 -7.34 -3.54
C LEU A 10 0.71 -8.82 -3.87
N ALA A 11 -0.48 -9.41 -3.74
CA ALA A 11 -0.69 -10.78 -4.20
C ALA A 11 -0.78 -10.76 -5.72
N VAL A 12 -0.09 -11.69 -6.37
CA VAL A 12 -0.07 -11.75 -7.82
C VAL A 12 -0.45 -13.16 -8.25
N SER A 13 -1.06 -13.26 -9.42
CA SER A 13 -1.49 -14.56 -9.93
C SER A 13 -0.41 -15.23 -10.77
N GLN A 14 0.45 -14.46 -11.44
CA GLN A 14 1.52 -15.01 -12.26
C GLN A 14 2.77 -14.19 -11.97
N LEU A 15 3.78 -14.80 -11.38
CA LEU A 15 4.88 -14.03 -10.84
C LEU A 15 5.69 -13.33 -11.93
N ALA A 16 6.04 -14.05 -12.99
CA ALA A 16 6.94 -13.48 -14.00
C ALA A 16 6.34 -12.23 -14.67
N PRO A 17 5.10 -12.24 -15.13
N PRO A 17 5.10 -12.27 -15.19
CA PRO A 17 4.54 -11.01 -15.72
CA PRO A 17 4.52 -11.03 -15.74
C PRO A 17 4.44 -9.88 -14.73
C PRO A 17 4.49 -9.90 -14.74
N SER A 18 4.23 -10.19 -13.45
N SER A 18 4.22 -10.20 -13.46
CA SER A 18 4.17 -9.11 -12.47
CA SER A 18 4.18 -9.14 -12.45
C SER A 18 5.56 -8.53 -12.22
C SER A 18 5.56 -8.53 -12.25
N VAL A 19 6.58 -9.37 -12.11
CA VAL A 19 7.93 -8.85 -11.96
C VAL A 19 8.27 -7.98 -13.16
N ALA A 20 7.94 -8.47 -14.36
CA ALA A 20 8.23 -7.70 -15.55
C ALA A 20 7.54 -6.34 -15.53
N PHE A 21 6.29 -6.29 -15.09
CA PHE A 21 5.58 -5.03 -15.03
C PHE A 21 6.26 -4.05 -14.11
N TYR A 22 6.58 -4.46 -12.88
CA TYR A 22 7.14 -3.53 -11.92
C TYR A 22 8.59 -3.18 -12.23
N GLN A 23 9.38 -4.14 -12.71
CA GLN A 23 10.78 -3.88 -13.02
C GLN A 23 10.96 -3.29 -14.42
N GLN A 24 10.47 -3.97 -15.44
CA GLN A 24 10.77 -3.51 -16.79
C GLN A 24 9.94 -2.29 -17.17
N LEU A 25 8.65 -2.30 -16.89
CA LEU A 25 7.80 -1.21 -17.35
C LEU A 25 7.84 -0.04 -16.39
N LEU A 26 7.74 -0.29 -15.08
CA LEU A 26 7.72 0.80 -14.12
C LEU A 26 9.11 1.22 -13.65
N GLY A 27 10.15 0.43 -13.91
CA GLY A 27 11.51 0.83 -13.58
C GLY A 27 11.94 0.64 -12.16
N MET A 28 11.20 -0.14 -11.38
CA MET A 28 11.60 -0.40 -10.01
C MET A 28 12.81 -1.31 -10.00
N THR A 29 13.50 -1.33 -8.88
CA THR A 29 14.72 -2.11 -8.75
C THR A 29 14.39 -3.50 -8.22
N LEU A 30 14.77 -4.54 -8.97
CA LEU A 30 14.58 -5.92 -8.54
C LEU A 30 15.78 -6.37 -7.72
N HIS A 31 15.54 -6.79 -6.48
CA HIS A 31 16.61 -7.26 -5.60
C HIS A 31 16.73 -8.77 -5.53
N ALA A 32 15.60 -9.48 -5.58
CA ALA A 32 15.62 -10.92 -5.47
C ALA A 32 14.29 -11.45 -5.97
N ARG A 33 14.32 -12.68 -6.49
N ARG A 33 14.32 -12.68 -6.48
CA ARG A 33 13.11 -13.40 -6.87
CA ARG A 33 13.11 -13.39 -6.82
C ARG A 33 13.28 -14.87 -6.53
C ARG A 33 13.29 -14.85 -6.44
N TRP A 34 12.18 -15.52 -6.20
CA TRP A 34 12.19 -16.94 -5.88
C TRP A 34 10.92 -17.56 -6.45
N ASP A 35 10.71 -18.84 -6.17
CA ASP A 35 9.63 -19.52 -6.86
C ASP A 35 8.28 -18.93 -6.55
N SER A 36 8.13 -18.27 -5.39
N SER A 36 8.11 -18.25 -5.41
CA SER A 36 6.85 -17.76 -4.93
CA SER A 36 6.79 -17.73 -5.07
C SER A 36 6.80 -16.27 -4.67
C SER A 36 6.83 -16.27 -4.63
N GLY A 37 7.81 -15.51 -5.08
CA GLY A 37 7.72 -14.09 -4.83
C GLY A 37 8.91 -13.32 -5.37
N ALA A 38 8.88 -12.02 -5.10
CA ALA A 38 9.99 -11.16 -5.50
C ALA A 38 10.03 -9.98 -4.55
N TYR A 39 11.23 -9.43 -4.36
CA TYR A 39 11.42 -8.19 -3.61
C TYR A 39 11.97 -7.13 -4.55
N LEU A 40 11.30 -5.97 -4.56
CA LEU A 40 11.72 -4.82 -5.34
C LEU A 40 11.77 -3.60 -4.43
N SER A 41 12.47 -2.56 -4.88
CA SER A 41 12.37 -1.27 -4.20
C SER A 41 12.04 -0.19 -5.22
N CYS A 42 11.39 0.85 -4.71
CA CYS A 42 11.06 2.04 -5.48
C CYS A 42 11.41 3.19 -4.54
N GLY A 43 12.57 3.80 -4.73
CA GLY A 43 13.09 4.70 -3.70
C GLY A 43 13.17 3.96 -2.37
N ASP A 44 12.57 4.54 -1.33
N ASP A 44 12.54 4.53 -1.35
CA ASP A 44 12.57 3.91 -0.02
CA ASP A 44 12.53 3.95 -0.02
C ASP A 44 11.52 2.79 0.11
C ASP A 44 11.39 2.95 0.20
N LEU A 45 10.57 2.69 -0.81
CA LEU A 45 9.53 1.66 -0.71
C LEU A 45 10.09 0.26 -0.93
N TRP A 46 9.78 -0.63 0.00
CA TRP A 46 9.96 -2.07 -0.14
C TRP A 46 8.65 -2.65 -0.66
N LEU A 47 8.69 -3.15 -1.88
CA LEU A 47 7.58 -3.83 -2.53
C LEU A 47 7.85 -5.33 -2.57
N CYS A 48 6.88 -6.09 -2.10
N CYS A 48 6.88 -6.11 -2.09
CA CYS A 48 6.88 -7.55 -2.19
CA CYS A 48 6.95 -7.56 -2.21
C CYS A 48 5.80 -7.94 -3.18
C CYS A 48 5.81 -8.03 -3.10
N LEU A 49 6.16 -8.79 -4.14
CA LEU A 49 5.17 -9.49 -4.96
C LEU A 49 5.10 -10.92 -4.44
N SER A 50 3.90 -11.37 -4.08
CA SER A 50 3.73 -12.70 -3.49
C SER A 50 2.79 -13.53 -4.35
N LEU A 51 3.32 -14.64 -4.89
CA LEU A 51 2.49 -15.50 -5.73
C LEU A 51 1.38 -16.10 -4.86
N ASP A 52 0.13 -15.88 -5.23
CA ASP A 52 -1.00 -16.29 -4.41
C ASP A 52 -2.01 -16.95 -5.32
N PRO A 53 -2.27 -18.25 -5.18
CA PRO A 53 -3.34 -18.88 -6.00
C PRO A 53 -4.70 -18.26 -5.79
N GLN A 54 -4.91 -17.53 -4.69
N GLN A 54 -4.91 -17.52 -4.70
CA GLN A 54 -6.19 -16.86 -4.48
CA GLN A 54 -6.19 -16.87 -4.46
C GLN A 54 -6.34 -15.57 -5.26
C GLN A 54 -6.30 -15.48 -5.10
N ARG A 55 -5.25 -14.98 -5.75
CA ARG A 55 -5.37 -13.71 -6.47
C ARG A 55 -6.13 -13.89 -7.78
N ARG A 56 -7.15 -13.06 -7.96
CA ARG A 56 -7.86 -13.02 -9.22
C ARG A 56 -7.54 -11.77 -10.01
N VAL A 57 -7.53 -11.93 -11.32
CA VAL A 57 -7.42 -10.78 -12.21
C VAL A 57 -8.74 -10.05 -12.14
N THR A 58 -8.75 -8.83 -11.60
CA THR A 58 -9.99 -8.18 -11.19
C THR A 58 -10.25 -6.92 -11.99
N PRO A 59 -11.35 -6.85 -12.73
CA PRO A 59 -11.66 -5.63 -13.45
C PRO A 59 -11.93 -4.50 -12.48
N PRO A 60 -11.66 -3.26 -12.88
CA PRO A 60 -11.70 -2.15 -11.93
C PRO A 60 -13.08 -1.83 -11.45
N GLU A 61 -14.11 -2.18 -12.21
CA GLU A 61 -15.47 -1.98 -11.75
C GLU A 61 -15.87 -2.97 -10.66
N GLU A 62 -15.10 -4.03 -10.45
N GLU A 62 -15.10 -4.05 -10.46
CA GLU A 62 -15.43 -5.01 -9.43
CA GLU A 62 -15.37 -5.06 -9.44
C GLU A 62 -14.43 -4.98 -8.27
C GLU A 62 -14.60 -4.83 -8.15
N SER A 63 -13.65 -3.90 -8.15
CA SER A 63 -12.91 -3.62 -6.92
C SER A 63 -13.24 -2.23 -6.40
N ASP A 64 -13.01 -2.04 -5.11
CA ASP A 64 -13.21 -0.77 -4.46
C ASP A 64 -12.05 0.18 -4.79
N TYR A 65 -12.08 1.36 -4.18
CA TYR A 65 -11.17 2.45 -4.51
C TYR A 65 -9.78 2.31 -3.89
N THR A 66 -9.50 1.24 -3.14
CA THR A 66 -8.19 1.04 -2.55
C THR A 66 -7.14 1.11 -3.66
N HIS A 67 -6.09 1.90 -3.48
CA HIS A 67 -5.11 2.09 -4.53
C HIS A 67 -3.76 2.52 -3.97
N TYR A 68 -2.74 2.41 -4.81
CA TYR A 68 -1.35 2.63 -4.44
C TYR A 68 -0.76 3.63 -5.42
N ALA A 69 -0.34 4.78 -4.90
CA ALA A 69 0.22 5.84 -5.72
C ALA A 69 1.72 5.92 -5.55
N PHE A 70 2.42 6.12 -6.66
CA PHE A 70 3.88 6.24 -6.71
C PHE A 70 4.24 7.68 -7.07
N SER A 71 5.27 8.20 -6.42
CA SER A 71 5.71 9.55 -6.66
C SER A 71 6.52 9.66 -7.94
N ILE A 72 6.29 10.76 -8.65
CA ILE A 72 7.04 11.11 -9.85
C ILE A 72 7.15 12.62 -9.91
N SER A 73 8.21 13.11 -10.53
CA SER A 73 8.39 14.55 -10.59
C SER A 73 7.49 15.16 -11.65
N GLU A 74 7.29 16.46 -11.51
CA GLU A 74 6.51 17.20 -12.51
C GLU A 74 7.17 17.08 -13.88
N ALA A 75 8.51 17.06 -13.93
CA ALA A 75 9.19 16.99 -15.22
C ALA A 75 8.99 15.65 -15.92
N ASP A 76 8.83 14.57 -15.16
CA ASP A 76 8.77 13.23 -15.71
C ASP A 76 7.34 12.70 -15.90
N PHE A 77 6.36 13.34 -15.27
CA PHE A 77 5.02 12.77 -15.15
C PHE A 77 4.41 12.45 -16.50
N ALA A 78 4.35 13.44 -17.39
CA ALA A 78 3.57 13.27 -18.61
C ALA A 78 4.21 12.23 -19.51
N SER A 79 5.53 12.21 -19.62
N SER A 79 5.54 12.26 -19.64
CA SER A 79 6.11 11.26 -20.56
CA SER A 79 6.21 11.28 -20.49
C SER A 79 6.03 9.83 -20.02
C SER A 79 5.90 9.87 -20.00
N PHE A 80 6.01 9.66 -18.69
CA PHE A 80 5.83 8.33 -18.10
C PHE A 80 4.39 7.85 -18.31
N ALA A 81 3.41 8.72 -18.07
CA ALA A 81 2.03 8.36 -18.33
C ALA A 81 1.84 7.99 -19.80
N ALA A 82 2.45 8.77 -20.70
CA ALA A 82 2.24 8.49 -22.12
C ALA A 82 2.90 7.18 -22.51
N ARG A 83 4.07 6.89 -21.88
N ARG A 83 4.00 6.83 -21.91
CA ARG A 83 4.77 5.59 -21.93
CA ARG A 83 4.59 5.54 -22.24
C ARG A 83 3.81 4.45 -21.66
C ARG A 83 3.77 4.38 -21.70
N LEU A 84 3.16 4.52 -20.51
CA LEU A 84 2.24 3.48 -20.08
C LEU A 84 1.09 3.35 -21.06
N GLU A 85 0.54 4.48 -21.51
CA GLU A 85 -0.55 4.44 -22.48
C GLU A 85 -0.11 3.75 -23.76
N ALA A 86 1.05 4.12 -24.27
CA ALA A 86 1.49 3.51 -25.53
C ALA A 86 1.76 2.02 -25.36
N ALA A 87 2.12 1.57 -24.15
CA ALA A 87 2.33 0.15 -23.88
C ALA A 87 1.04 -0.64 -23.69
N GLY A 88 -0.10 0.03 -23.74
CA GLY A 88 -1.37 -0.63 -23.63
C GLY A 88 -1.82 -0.89 -22.20
N VAL A 89 -1.25 -0.20 -21.23
CA VAL A 89 -1.63 -0.43 -19.84
C VAL A 89 -3.04 0.06 -19.60
N ALA A 90 -3.87 -0.79 -19.02
CA ALA A 90 -5.27 -0.48 -18.79
C ALA A 90 -5.40 0.57 -17.72
N VAL A 91 -6.53 1.27 -17.75
CA VAL A 91 -6.72 2.36 -16.83
C VAL A 91 -7.98 2.14 -16.00
N TRP A 92 -8.12 2.96 -15.00
CA TRP A 92 -9.30 2.83 -14.19
C TRP A 92 -9.90 4.16 -13.79
N LYS A 93 -9.24 5.28 -14.05
CA LYS A 93 -9.88 6.55 -13.67
C LYS A 93 -9.30 7.66 -14.52
N LEU A 94 -10.12 8.65 -14.85
CA LEU A 94 -9.70 9.74 -15.70
C LEU A 94 -9.77 11.12 -15.05
N ASN A 95 -10.72 11.31 -14.15
CA ASN A 95 -10.97 12.61 -13.55
C ASN A 95 -9.95 12.86 -12.46
N ARG A 96 -9.24 13.99 -12.56
CA ARG A 96 -8.19 14.33 -11.60
C ARG A 96 -8.82 15.03 -10.40
N SER A 97 -9.25 14.21 -9.46
CA SER A 97 -9.92 14.68 -8.26
C SER A 97 -8.96 14.91 -7.11
N GLU A 98 -7.69 14.57 -7.25
CA GLU A 98 -6.71 14.77 -6.19
C GLU A 98 -5.39 15.27 -6.77
N GLY A 99 -5.45 16.15 -7.76
CA GLY A 99 -4.27 16.75 -8.34
C GLY A 99 -3.80 16.02 -9.58
N ALA A 100 -2.50 16.18 -9.85
CA ALA A 100 -1.90 15.66 -11.08
C ALA A 100 -1.62 14.17 -10.89
N SER A 101 -2.47 13.33 -11.48
CA SER A 101 -2.44 11.90 -11.29
C SER A 101 -2.76 11.18 -12.58
N HIS A 102 -2.19 10.00 -12.75
CA HIS A 102 -2.52 9.10 -13.84
C HIS A 102 -2.87 7.76 -13.20
N TYR A 103 -4.03 7.23 -13.51
CA TYR A 103 -4.56 6.04 -12.86
C TYR A 103 -4.47 4.84 -13.80
N PHE A 104 -3.78 3.78 -13.37
CA PHE A 104 -3.53 2.64 -14.24
C PHE A 104 -3.57 1.36 -13.44
N LEU A 105 -3.71 0.25 -14.16
CA LEU A 105 -3.87 -1.06 -13.55
C LEU A 105 -2.63 -1.94 -13.76
N ASP A 106 -2.30 -2.76 -12.77
CA ASP A 106 -1.29 -3.80 -12.95
C ASP A 106 -1.92 -5.03 -13.59
N PRO A 107 -1.12 -6.05 -13.89
CA PRO A 107 -1.67 -7.22 -14.62
C PRO A 107 -2.81 -7.92 -13.90
N ASP A 108 -2.87 -7.86 -12.58
CA ASP A 108 -3.94 -8.46 -11.79
C ASP A 108 -5.06 -7.49 -11.47
N GLY A 109 -5.00 -6.26 -11.98
CA GLY A 109 -6.00 -5.28 -11.66
C GLY A 109 -5.74 -4.53 -10.37
N HIS A 110 -4.56 -4.67 -9.75
CA HIS A 110 -4.26 -3.75 -8.65
C HIS A 110 -4.32 -2.32 -9.17
N LYS A 111 -4.98 -1.45 -8.42
CA LYS A 111 -5.16 -0.06 -8.79
C LYS A 111 -3.96 0.77 -8.39
N LEU A 112 -3.27 1.29 -9.40
CA LEU A 112 -2.05 2.06 -9.23
C LEU A 112 -2.28 3.49 -9.70
N GLU A 113 -1.34 4.36 -9.36
CA GLU A 113 -1.43 5.77 -9.68
C GLU A 113 -0.03 6.34 -9.75
N LEU A 114 0.22 7.22 -10.72
CA LEU A 114 1.34 8.16 -10.68
C LEU A 114 0.81 9.47 -10.13
N HIS A 115 1.49 10.07 -9.15
CA HIS A 115 1.05 11.34 -8.60
C HIS A 115 2.24 12.28 -8.43
N VAL A 116 2.03 13.55 -8.77
CA VAL A 116 2.99 14.60 -8.53
C VAL A 116 2.52 15.38 -7.30
N GLY A 117 3.33 15.40 -6.26
CA GLY A 117 3.10 16.27 -5.13
C GLY A 117 2.99 15.53 -3.81
N SER A 118 3.31 16.26 -2.72
CA SER A 118 3.29 15.73 -1.38
C SER A 118 1.93 15.94 -0.72
N LEU A 119 1.79 15.36 0.48
CA LEU A 119 0.61 15.64 1.30
C LEU A 119 0.50 17.12 1.63
N ALA A 120 1.61 17.75 2.01
CA ALA A 120 1.56 19.18 2.30
C ALA A 120 1.05 19.95 1.10
N GLN A 121 1.51 19.61 -0.11
CA GLN A 121 1.06 20.33 -1.29
C GLN A 121 -0.41 20.06 -1.57
N ARG A 122 -0.88 18.84 -1.31
N ARG A 122 -0.84 18.82 -1.37
CA ARG A 122 -2.29 18.55 -1.52
CA ARG A 122 -2.26 18.48 -1.46
C ARG A 122 -3.16 19.28 -0.51
C ARG A 122 -3.07 19.38 -0.54
N LEU A 123 -2.70 19.42 0.73
CA LEU A 123 -3.47 20.17 1.71
C LEU A 123 -3.55 21.63 1.33
N ALA A 124 -2.44 22.20 0.86
CA ALA A 124 -2.47 23.59 0.41
C ALA A 124 -3.41 23.77 -0.77
N ALA A 125 -3.40 22.84 -1.72
CA ALA A 125 -4.30 22.98 -2.85
C ALA A 125 -5.75 22.87 -2.41
N CYS A 126 -6.01 21.98 -1.44
CA CYS A 126 -7.36 21.75 -0.94
C CYS A 126 -7.89 22.95 -0.18
N ARG A 127 -7.01 23.74 0.43
CA ARG A 127 -7.51 24.92 1.10
C ARG A 127 -8.20 25.85 0.11
N GLU A 128 -7.71 25.91 -1.13
CA GLU A 128 -8.30 26.76 -2.17
C GLU A 128 -9.46 26.08 -2.88
N GLN A 129 -9.33 24.79 -3.11
CA GLN A 129 -10.32 23.97 -3.81
C GLN A 129 -10.59 22.77 -2.90
N PRO A 130 -11.34 22.97 -1.84
CA PRO A 130 -11.56 21.90 -0.87
C PRO A 130 -12.56 20.88 -1.37
N TYR A 131 -12.35 19.64 -0.94
N TYR A 131 -12.36 19.66 -0.88
CA TYR A 131 -13.37 18.63 -1.10
CA TYR A 131 -13.40 18.65 -0.99
C TYR A 131 -14.58 19.00 -0.23
C TYR A 131 -14.66 19.16 -0.32
N LYS A 132 -15.77 18.52 -0.64
CA LYS A 132 -17.01 18.91 0.03
C LYS A 132 -16.94 18.62 1.52
N GLY A 133 -17.17 19.66 2.31
CA GLY A 133 -17.17 19.50 3.75
C GLY A 133 -15.81 19.46 4.41
N MET A 134 -14.74 19.85 3.71
CA MET A 134 -13.41 19.63 4.24
C MET A 134 -13.11 20.51 5.45
N VAL A 135 -12.41 19.91 6.40
N VAL A 135 -12.49 19.90 6.46
CA VAL A 135 -11.92 20.55 7.61
CA VAL A 135 -11.94 20.61 7.61
C VAL A 135 -10.45 20.19 7.76
C VAL A 135 -10.46 20.21 7.74
N PHE A 136 -9.66 21.15 8.22
CA PHE A 136 -8.22 21.00 8.39
C PHE A 136 -7.88 21.06 9.86
N PHE A 137 -7.01 20.18 10.30
CA PHE A 137 -6.66 20.11 11.71
C PHE A 137 -5.29 20.66 11.99
N MET B 1 10.83 8.60 -13.85
CA MET B 1 11.37 7.68 -12.80
C MET B 1 10.58 7.78 -11.52
N LEU B 2 10.16 6.64 -10.97
CA LEU B 2 9.36 6.66 -9.76
C LEU B 2 10.29 6.74 -8.56
N SER B 3 9.91 7.56 -7.58
CA SER B 3 10.81 7.86 -6.47
C SER B 3 10.35 7.33 -5.11
N GLY B 4 9.22 6.67 -5.02
CA GLY B 4 8.75 6.10 -3.77
C GLY B 4 7.24 5.94 -3.80
N LEU B 5 6.70 5.51 -2.66
CA LEU B 5 5.26 5.48 -2.48
C LEU B 5 4.78 6.89 -2.18
N ASN B 6 3.88 7.41 -3.00
CA ASN B 6 3.31 8.73 -2.76
C ASN B 6 2.23 8.68 -1.68
N HIS B 7 1.27 7.78 -1.83
CA HIS B 7 0.24 7.60 -0.81
C HIS B 7 -0.39 6.23 -0.96
N LEU B 8 -0.98 5.77 0.15
CA LEU B 8 -1.78 4.57 0.23
C LEU B 8 -3.21 5.00 0.48
N THR B 9 -4.15 4.58 -0.37
CA THR B 9 -5.56 4.87 -0.17
C THR B 9 -6.29 3.59 0.14
N LEU B 10 -7.02 3.58 1.26
CA LEU B 10 -7.85 2.47 1.64
C LEU B 10 -9.31 2.88 1.49
N ALA B 11 -10.08 2.09 0.75
CA ALA B 11 -11.52 2.25 0.74
C ALA B 11 -12.11 1.75 2.05
N VAL B 12 -13.02 2.54 2.61
CA VAL B 12 -13.64 2.22 3.89
C VAL B 12 -15.15 2.28 3.75
N SER B 13 -15.85 1.44 4.50
CA SER B 13 -17.30 1.41 4.43
C SER B 13 -17.95 2.44 5.34
N GLN B 14 -17.29 2.83 6.43
CA GLN B 14 -17.82 3.79 7.37
C GLN B 14 -16.66 4.65 7.84
N LEU B 15 -16.74 5.95 7.62
CA LEU B 15 -15.58 6.80 7.87
C LEU B 15 -15.25 6.91 9.36
N ALA B 16 -16.26 7.09 10.22
CA ALA B 16 -15.96 7.32 11.63
C ALA B 16 -15.21 6.17 12.28
N PRO B 17 -15.61 4.89 12.13
CA PRO B 17 -14.81 3.84 12.77
C PRO B 17 -13.43 3.72 12.17
N SER B 18 -13.28 4.02 10.89
CA SER B 18 -11.95 3.94 10.30
C SER B 18 -11.04 5.05 10.82
N VAL B 19 -11.57 6.28 10.96
CA VAL B 19 -10.78 7.33 11.59
C VAL B 19 -10.41 6.96 13.01
N ALA B 20 -11.36 6.39 13.77
CA ALA B 20 -11.05 6.00 15.14
C ALA B 20 -9.92 4.98 15.16
N PHE B 21 -9.97 4.01 14.26
CA PHE B 21 -8.97 2.97 14.21
C PHE B 21 -7.59 3.54 13.88
N TYR B 22 -7.48 4.30 12.79
CA TYR B 22 -6.16 4.74 12.35
C TYR B 22 -5.62 5.87 13.23
N GLN B 23 -6.47 6.83 13.61
CA GLN B 23 -6.01 7.94 14.43
C GLN B 23 -5.85 7.53 15.89
N GLN B 24 -6.94 7.07 16.50
CA GLN B 24 -6.94 6.88 17.93
C GLN B 24 -6.25 5.58 18.34
N LEU B 25 -6.64 4.45 17.74
CA LEU B 25 -6.01 3.18 18.13
C LEU B 25 -4.57 3.11 17.64
N LEU B 26 -4.34 3.39 16.34
N LEU B 26 -4.34 3.40 16.35
CA LEU B 26 -2.99 3.21 15.81
CA LEU B 26 -3.00 3.22 15.77
C LEU B 26 -2.09 4.41 16.06
C LEU B 26 -2.12 4.46 15.88
N GLY B 27 -2.64 5.57 16.38
CA GLY B 27 -1.85 6.75 16.68
C GLY B 27 -1.41 7.58 15.50
N MET B 28 -2.00 7.41 14.33
CA MET B 28 -1.62 8.23 13.17
C MET B 28 -2.17 9.65 13.32
N THR B 29 -1.54 10.60 12.61
CA THR B 29 -1.93 11.99 12.72
C THR B 29 -3.01 12.30 11.68
N LEU B 30 -4.13 12.86 12.13
CA LEU B 30 -5.23 13.25 11.26
C LEU B 30 -5.02 14.70 10.81
N HIS B 31 -4.83 14.88 9.52
CA HIS B 31 -4.60 16.21 8.97
C HIS B 31 -5.85 16.89 8.42
N ALA B 32 -6.77 16.13 7.86
CA ALA B 32 -7.96 16.71 7.27
C ALA B 32 -9.01 15.63 7.13
N ARG B 33 -10.26 16.05 7.10
CA ARG B 33 -11.39 15.16 6.89
C ARG B 33 -12.43 15.91 6.07
N TRP B 34 -13.14 15.17 5.25
CA TRP B 34 -14.22 15.74 4.46
C TRP B 34 -15.36 14.73 4.44
N ASP B 35 -16.44 15.06 3.74
CA ASP B 35 -17.63 14.22 3.85
C ASP B 35 -17.34 12.79 3.41
N SER B 36 -16.39 12.59 2.52
CA SER B 36 -16.16 11.24 1.99
C SER B 36 -14.72 10.78 2.16
N GLY B 37 -13.97 11.33 3.11
CA GLY B 37 -12.64 10.78 3.34
C GLY B 37 -11.85 11.51 4.39
N ALA B 38 -10.61 11.07 4.55
CA ALA B 38 -9.70 11.69 5.50
C ALA B 38 -8.26 11.51 5.02
N TYR B 39 -7.39 12.43 5.43
CA TYR B 39 -5.95 12.31 5.21
C TYR B 39 -5.25 12.19 6.56
N LEU B 40 -4.40 11.18 6.68
CA LEU B 40 -3.60 10.96 7.87
C LEU B 40 -2.14 10.79 7.44
N SER B 41 -1.24 10.96 8.39
CA SER B 41 0.14 10.57 8.17
C SER B 41 0.63 9.65 9.27
N CYS B 42 1.61 8.84 8.90
CA CYS B 42 2.28 7.91 9.80
C CYS B 42 3.74 7.95 9.40
N GLY B 43 4.57 8.69 10.12
CA GLY B 43 5.92 8.95 9.60
C GLY B 43 5.81 9.58 8.22
N ASP B 44 6.55 9.03 7.26
N ASP B 44 6.55 9.03 7.24
CA ASP B 44 6.53 9.51 5.89
CA ASP B 44 6.52 9.52 5.87
C ASP B 44 5.43 8.88 5.04
C ASP B 44 5.26 9.09 5.11
N LEU B 45 4.52 8.11 5.63
CA LEU B 45 3.36 7.61 4.90
C LEU B 45 2.21 8.60 4.90
N TRP B 46 1.73 8.90 3.70
CA TRP B 46 0.47 9.61 3.49
C TRP B 46 -0.62 8.56 3.28
N LEU B 47 -1.55 8.49 4.23
CA LEU B 47 -2.65 7.56 4.17
C LEU B 47 -3.92 8.34 3.85
N CYS B 48 -4.69 7.85 2.88
N CYS B 48 -4.68 7.84 2.87
CA CYS B 48 -6.01 8.38 2.61
CA CYS B 48 -6.00 8.34 2.56
C CYS B 48 -7.05 7.31 2.90
C CYS B 48 -7.02 7.27 2.94
N LEU B 49 -8.05 7.67 3.68
CA LEU B 49 -9.25 6.87 3.87
C LEU B 49 -10.31 7.45 2.95
N SER B 50 -10.86 6.61 2.07
CA SER B 50 -11.84 7.05 1.09
C SER B 50 -13.14 6.29 1.33
N LEU B 51 -14.19 7.01 1.71
CA LEU B 51 -15.49 6.39 1.94
C LEU B 51 -16.01 5.85 0.61
N ASP B 52 -16.34 4.58 0.57
CA ASP B 52 -16.68 3.91 -0.68
C ASP B 52 -17.79 2.91 -0.43
N PRO B 53 -19.01 3.12 -0.94
N PRO B 53 -19.00 3.18 -0.94
CA PRO B 53 -20.08 2.14 -0.68
CA PRO B 53 -20.08 2.17 -0.89
C PRO B 53 -19.80 0.78 -1.29
C PRO B 53 -19.74 0.87 -1.57
N GLN B 54 -18.87 0.70 -2.24
N GLN B 54 -18.64 0.82 -2.32
CA GLN B 54 -18.45 -0.57 -2.78
CA GLN B 54 -18.19 -0.44 -2.90
C GLN B 54 -17.52 -1.34 -1.86
C GLN B 54 -17.57 -1.33 -1.83
N ARG B 55 -17.03 -0.75 -0.76
CA ARG B 55 -16.20 -1.53 0.13
C ARG B 55 -17.04 -2.52 0.94
N ARG B 56 -16.67 -3.78 0.88
N ARG B 56 -16.66 -3.79 0.87
CA ARG B 56 -17.29 -4.84 1.66
CA ARG B 56 -17.27 -4.85 1.65
C ARG B 56 -16.43 -5.14 2.88
C ARG B 56 -16.41 -5.08 2.89
N VAL B 57 -17.07 -5.35 4.01
CA VAL B 57 -16.37 -5.81 5.21
C VAL B 57 -16.00 -7.26 4.94
N THR B 58 -14.71 -7.52 4.73
CA THR B 58 -14.29 -8.74 4.05
C THR B 58 -13.57 -9.66 5.01
N PRO B 59 -14.09 -10.86 5.24
CA PRO B 59 -13.37 -11.82 6.08
C PRO B 59 -12.03 -12.16 5.47
N PRO B 60 -11.03 -12.47 6.32
CA PRO B 60 -9.67 -12.68 5.78
C PRO B 60 -9.57 -13.91 4.91
N GLU B 61 -10.41 -14.92 5.11
CA GLU B 61 -10.39 -16.07 4.23
C GLU B 61 -10.86 -15.72 2.83
N GLU B 62 -11.53 -14.59 2.66
CA GLU B 62 -12.11 -14.20 1.38
C GLU B 62 -11.31 -13.14 0.64
N SER B 63 -10.17 -12.73 1.15
CA SER B 63 -9.30 -11.81 0.45
C SER B 63 -7.96 -12.50 0.23
N ASP B 64 -7.23 -12.00 -0.75
CA ASP B 64 -5.91 -12.52 -1.04
C ASP B 64 -4.89 -11.93 -0.07
N TYR B 65 -3.62 -12.26 -0.28
CA TYR B 65 -2.54 -11.95 0.66
C TYR B 65 -2.05 -10.51 0.57
N THR B 66 -2.63 -9.70 -0.31
CA THR B 66 -2.23 -8.29 -0.36
C THR B 66 -2.33 -7.67 1.04
N HIS B 67 -1.30 -6.96 1.47
CA HIS B 67 -1.30 -6.42 2.83
C HIS B 67 -0.32 -5.27 2.94
N TYR B 68 -0.50 -4.53 4.02
CA TYR B 68 0.17 -3.26 4.28
C TYR B 68 0.84 -3.35 5.64
N ALA B 69 2.17 -3.28 5.68
CA ALA B 69 2.95 -3.41 6.89
C ALA B 69 3.46 -2.05 7.34
N PHE B 70 3.28 -1.75 8.63
CA PHE B 70 3.79 -0.53 9.25
C PHE B 70 5.03 -0.82 10.07
N SER B 71 5.97 0.12 10.05
CA SER B 71 7.17 -0.02 10.85
C SER B 71 6.95 0.34 12.30
N ILE B 72 7.61 -0.41 13.16
CA ILE B 72 7.65 -0.18 14.59
C ILE B 72 8.99 -0.68 15.09
N SER B 73 9.50 -0.10 16.18
CA SER B 73 10.75 -0.60 16.74
C SER B 73 10.51 -1.92 17.48
N GLU B 74 11.58 -2.71 17.59
CA GLU B 74 11.50 -3.92 18.39
C GLU B 74 11.08 -3.59 19.81
N ALA B 75 11.61 -2.52 20.38
CA ALA B 75 11.30 -2.18 21.76
C ALA B 75 9.82 -1.87 21.96
N ASP B 76 9.14 -1.34 20.95
CA ASP B 76 7.74 -0.94 21.09
C ASP B 76 6.75 -2.02 20.62
N PHE B 77 7.23 -3.06 19.95
CA PHE B 77 6.38 -4.04 19.28
C PHE B 77 5.40 -4.70 20.25
N ALA B 78 5.90 -5.27 21.35
CA ALA B 78 5.03 -6.09 22.19
C ALA B 78 3.91 -5.28 22.82
N SER B 79 4.19 -4.04 23.26
N SER B 79 4.23 -4.08 23.30
CA SER B 79 3.13 -3.26 23.90
CA SER B 79 3.22 -3.21 23.87
C SER B 79 2.11 -2.77 22.87
C SER B 79 2.14 -2.90 22.83
N PHE B 80 2.55 -2.57 21.61
CA PHE B 80 1.59 -2.17 20.59
C PHE B 80 0.69 -3.36 20.23
N ALA B 81 1.28 -4.55 20.08
CA ALA B 81 0.48 -5.74 19.85
C ALA B 81 -0.52 -5.95 20.99
N ALA B 82 -0.08 -5.74 22.23
CA ALA B 82 -0.98 -5.92 23.37
C ALA B 82 -2.12 -4.91 23.35
N ARG B 83 -1.86 -3.67 22.88
CA ARG B 83 -2.90 -2.67 22.71
C ARG B 83 -3.95 -3.13 21.72
N LEU B 84 -3.50 -3.64 20.57
CA LEU B 84 -4.42 -4.16 19.58
C LEU B 84 -5.24 -5.30 20.16
N GLU B 85 -4.58 -6.20 20.89
N GLU B 85 -4.60 -6.19 20.91
CA GLU B 85 -5.30 -7.31 21.52
CA GLU B 85 -5.32 -7.31 21.50
C GLU B 85 -6.34 -6.82 22.50
C GLU B 85 -6.33 -6.85 22.54
N ALA B 86 -5.98 -5.84 23.34
CA ALA B 86 -6.94 -5.33 24.32
C ALA B 86 -8.16 -4.75 23.63
N ALA B 87 -7.95 -4.09 22.50
CA ALA B 87 -9.03 -3.51 21.70
C ALA B 87 -9.79 -4.57 20.90
N GLY B 88 -9.42 -5.83 20.99
CA GLY B 88 -10.16 -6.88 20.31
C GLY B 88 -9.91 -6.96 18.82
N VAL B 89 -8.79 -6.45 18.35
CA VAL B 89 -8.50 -6.45 16.92
C VAL B 89 -8.11 -7.85 16.52
N ALA B 90 -8.72 -8.36 15.45
CA ALA B 90 -8.47 -9.73 15.02
C ALA B 90 -7.12 -9.89 14.33
N VAL B 91 -6.54 -11.07 14.53
CA VAL B 91 -5.31 -11.49 13.88
C VAL B 91 -5.66 -12.41 12.72
N TRP B 92 -4.96 -12.24 11.60
CA TRP B 92 -5.22 -13.06 10.42
C TRP B 92 -4.14 -14.06 10.07
N LYS B 93 -3.00 -14.07 10.77
CA LYS B 93 -1.87 -14.95 10.46
C LYS B 93 -0.95 -14.92 11.66
N LEU B 94 -0.24 -16.03 11.90
CA LEU B 94 0.88 -16.05 12.84
C LEU B 94 2.20 -15.80 12.13
N ASN B 95 3.15 -15.16 12.82
CA ASN B 95 4.48 -14.95 12.26
C ASN B 95 5.30 -16.24 12.19
N ARG B 96 5.87 -16.51 11.01
CA ARG B 96 6.83 -17.59 10.79
C ARG B 96 8.04 -17.17 9.97
N SER B 97 8.28 -15.86 9.79
N SER B 97 8.38 -15.90 9.95
CA SER B 97 9.42 -15.34 9.04
CA SER B 97 9.48 -15.41 9.13
C SER B 97 10.36 -14.58 9.97
C SER B 97 10.28 -14.40 9.93
N GLU B 98 11.46 -14.06 9.41
CA GLU B 98 12.38 -13.25 10.20
C GLU B 98 11.86 -11.85 10.49
N GLY B 99 12.17 -11.39 11.70
CA GLY B 99 11.72 -10.10 12.17
C GLY B 99 10.35 -10.24 12.78
N ALA B 100 10.14 -9.56 13.87
CA ALA B 100 8.85 -9.60 14.51
C ALA B 100 7.76 -9.11 13.56
N SER B 101 6.62 -9.79 13.55
CA SER B 101 5.46 -9.37 12.77
C SER B 101 4.19 -9.72 13.53
N HIS B 102 3.23 -8.78 13.52
CA HIS B 102 1.89 -8.97 14.07
C HIS B 102 0.91 -8.68 12.95
N TYR B 103 0.06 -9.66 12.63
CA TYR B 103 -0.81 -9.58 11.46
C TYR B 103 -2.25 -9.35 11.91
N PHE B 104 -2.79 -8.16 11.62
CA PHE B 104 -4.06 -7.75 12.17
C PHE B 104 -4.95 -7.13 11.09
N LEU B 105 -6.25 -7.09 11.38
CA LEU B 105 -7.24 -6.62 10.43
C LEU B 105 -7.82 -5.27 10.83
N ASP B 106 -8.05 -4.42 9.84
CA ASP B 106 -8.77 -3.15 10.07
C ASP B 106 -10.27 -3.42 10.08
N PRO B 107 -11.08 -2.39 10.34
CA PRO B 107 -12.53 -2.62 10.49
C PRO B 107 -13.22 -3.16 9.25
N ASP B 108 -12.65 -2.95 8.07
CA ASP B 108 -13.19 -3.46 6.83
C ASP B 108 -12.51 -4.72 6.35
N GLY B 109 -11.58 -5.26 7.13
CA GLY B 109 -10.85 -6.43 6.75
C GLY B 109 -9.61 -6.16 5.95
N HIS B 110 -9.17 -4.90 5.83
CA HIS B 110 -7.87 -4.69 5.20
C HIS B 110 -6.82 -5.41 6.04
N LYS B 111 -5.93 -6.11 5.35
CA LYS B 111 -4.88 -6.90 5.99
C LYS B 111 -3.68 -6.01 6.29
N LEU B 112 -3.40 -5.85 7.58
CA LEU B 112 -2.33 -5.01 8.10
C LEU B 112 -1.29 -5.88 8.81
N GLU B 113 -0.15 -5.26 9.06
CA GLU B 113 0.94 -5.90 9.76
C GLU B 113 1.75 -4.86 10.49
N LEU B 114 2.25 -5.21 11.67
CA LEU B 114 3.35 -4.51 12.28
C LEU B 114 4.61 -5.32 11.99
N HIS B 115 5.66 -4.69 11.46
CA HIS B 115 6.91 -5.43 11.22
C HIS B 115 8.10 -4.64 11.72
N VAL B 116 9.06 -5.38 12.27
CA VAL B 116 10.35 -4.86 12.66
C VAL B 116 11.37 -5.41 11.69
N GLY B 117 12.03 -4.53 10.94
CA GLY B 117 13.10 -4.95 10.07
C GLY B 117 12.95 -4.38 8.68
N SER B 118 14.07 -4.09 8.05
CA SER B 118 14.14 -3.48 6.73
C SER B 118 14.26 -4.53 5.63
N LEU B 119 14.19 -4.04 4.38
CA LEU B 119 14.50 -4.87 3.23
C LEU B 119 15.93 -5.39 3.32
N ALA B 120 16.88 -4.53 3.70
CA ALA B 120 18.28 -4.95 3.82
C ALA B 120 18.41 -6.12 4.79
N GLN B 121 17.69 -6.06 5.92
CA GLN B 121 17.77 -7.13 6.90
C GLN B 121 17.20 -8.42 6.32
N ARG B 122 16.08 -8.31 5.60
CA ARG B 122 15.48 -9.48 5.01
C ARG B 122 16.40 -10.09 3.97
N LEU B 123 17.01 -9.25 3.11
CA LEU B 123 17.89 -9.78 2.09
C LEU B 123 19.10 -10.46 2.72
N ALA B 124 19.62 -9.92 3.82
CA ALA B 124 20.76 -10.55 4.46
C ALA B 124 20.40 -11.93 4.99
N ALA B 125 19.22 -12.04 5.58
CA ALA B 125 18.77 -13.33 6.08
C ALA B 125 18.56 -14.31 4.93
N CYS B 126 17.99 -13.83 3.81
CA CYS B 126 17.75 -14.67 2.66
C CYS B 126 19.06 -15.12 2.01
N ARG B 127 20.09 -14.28 2.01
N ARG B 127 20.08 -14.27 2.00
CA ARG B 127 21.36 -14.70 1.44
CA ARG B 127 21.36 -14.71 1.45
C ARG B 127 21.97 -15.86 2.23
C ARG B 127 21.88 -15.92 2.22
N GLU B 128 21.76 -15.88 3.55
CA GLU B 128 22.23 -16.98 4.37
C GLU B 128 21.37 -18.22 4.24
N GLN B 129 20.08 -18.07 3.98
CA GLN B 129 19.13 -19.17 3.94
C GLN B 129 18.13 -18.89 2.83
N PRO B 130 18.53 -19.11 1.59
CA PRO B 130 17.68 -18.67 0.48
C PRO B 130 16.41 -19.50 0.38
N TYR B 131 15.34 -18.82 0.00
CA TYR B 131 14.09 -19.50 -0.28
C TYR B 131 14.26 -20.37 -1.52
N LYS B 132 13.34 -21.30 -1.70
CA LYS B 132 13.38 -22.20 -2.86
C LYS B 132 13.35 -21.41 -4.17
N GLY B 133 14.35 -21.64 -5.01
CA GLY B 133 14.46 -20.97 -6.28
C GLY B 133 14.97 -19.56 -6.23
N MET B 134 15.55 -19.15 -5.11
CA MET B 134 15.93 -17.77 -4.96
C MET B 134 17.18 -17.39 -5.72
N VAL B 135 17.07 -16.25 -6.40
N VAL B 135 17.10 -16.29 -6.44
CA VAL B 135 18.11 -15.61 -7.20
CA VAL B 135 18.25 -15.69 -7.07
C VAL B 135 18.20 -14.17 -6.71
C VAL B 135 18.24 -14.19 -6.80
N PHE B 136 19.41 -13.64 -6.64
CA PHE B 136 19.65 -12.26 -6.23
C PHE B 136 20.16 -11.47 -7.43
N PHE B 137 19.92 -10.16 -7.41
CA PHE B 137 20.32 -9.27 -8.52
C PHE B 137 21.10 -8.08 -7.97
C4 SZA C . 9.87 0.15 -21.57
C5 SZA C . 9.45 1.05 -20.42
C6 SZA C . 10.97 2.97 -20.43
N1 SZA C . 14.45 4.81 -18.72
C7 SZA C . 12.14 3.65 -19.80
C8 SZA C . 12.83 4.65 -20.48
C9 SZA C . 13.97 5.19 -19.92
C10 SZA C . 13.77 3.85 -18.08
C11 SZA C . 12.63 3.27 -18.56
O SZA C . 10.43 3.43 -21.43
N SZA C . 10.58 1.82 -19.89
C2 SZA C . 8.90 -0.99 -21.77
C1 SZA C . 7.93 -1.18 -22.74
S SZA C . 8.87 -2.26 -20.63
C3 SZA C . 7.61 -3.04 -21.42
C SZA C . 7.20 -2.39 -22.51
H1 SZA C . 9.93 0.66 -22.40
H2 SZA C . 10.76 -0.22 -21.42
H3 SZA C . 9.07 0.52 -19.69
H4 SZA C . 8.77 1.67 -20.72
H5 SZA C . 12.51 4.97 -21.36
H6 SZA C . 14.48 5.88 -20.37
H7 SZA C . 14.15 3.61 -17.21
H8 SZA C . 12.18 2.57 -18.03
H9 SZA C . 11.00 1.50 -19.18
H10 SZA C . 7.79 -0.57 -23.48
H11 SZA C . 7.27 -3.89 -21.06
H12 SZA C . 6.47 -2.70 -23.08
C4 SZA D . 0.62 -5.15 -19.21
C5 SZA D . 1.57 -4.01 -19.53
C6 SZA D . 3.81 -5.00 -19.35
N1 SZA D . 7.51 -6.15 -21.14
C7 SZA D . 5.09 -5.38 -20.03
C8 SZA D . 6.19 -5.64 -19.23
C9 SZA D . 7.37 -6.02 -19.82
C10 SZA D . 6.45 -5.89 -21.90
C11 SZA D . 5.22 -5.50 -21.40
O SZA D . 3.66 -5.23 -18.16
N SZA D . 2.85 -4.47 -20.10
C2 SZA D . -0.71 -4.71 -18.66
C1 SZA D . -1.95 -4.73 -19.28
S SZA D . -0.88 -4.11 -17.05
C3 SZA D . -2.54 -3.88 -17.22
C SZA D . -2.99 -4.25 -18.43
H1 SZA D . 0.47 -5.69 -20.01
H2 SZA D . 1.04 -5.76 -18.56
H3 SZA D . 1.16 -3.40 -20.17
H4 SZA D . 1.78 -3.50 -18.72
H5 SZA D . 6.14 -5.56 -18.25
H6 SZA D . 8.17 -6.21 -19.29
H7 SZA D . 6.59 -6.00 -22.87
H8 SZA D . 4.49 -5.32 -22.01
H9 SZA D . 2.96 -4.38 -20.97
H10 SZA D . -2.08 -5.03 -20.20
H11 SZA D . -3.06 -3.53 -16.46
H12 SZA D . -3.93 -4.18 -18.70
C1 EDO E . 0.24 -16.70 -0.79
O1 EDO E . 0.80 -15.51 -1.28
C2 EDO E . 0.17 -16.73 0.72
O2 EDO E . 1.39 -16.24 1.23
H11 EDO E . 0.74 -17.47 -1.09
H12 EDO E . -0.67 -16.81 -1.13
HO1 EDO E . 0.77 -15.52 -2.13
H21 EDO E . 0.00 -17.65 0.99
H22 EDO E . -0.60 -16.21 0.99
HO2 EDO E . 1.38 -16.35 2.08
MN MN F . -4.66 8.51 -5.13
S DMS G . 4.72 12.94 4.97
O DMS G . 4.78 13.87 3.79
C1 DMS G . 3.28 11.94 4.53
C2 DMS G . 3.79 13.81 6.25
H11 DMS G . 2.86 11.60 5.33
H12 DMS G . 3.57 11.19 3.98
H13 DMS G . 2.66 12.48 4.03
H21 DMS G . 2.96 14.14 5.88
H22 DMS G . 4.31 14.54 6.60
H23 DMS G . 3.59 13.20 6.97
MN MN H . 4.40 -8.68 5.21
#